data_7HKV
#
_entry.id   7HKV
#
_cell.length_a   82.387
_cell.length_b   116.009
_cell.length_c   147.848
_cell.angle_alpha   90.00
_cell.angle_beta   90.00
_cell.angle_gamma   90.00
#
_symmetry.space_group_name_H-M   'I 2 2 2'
#
loop_
_entity.id
_entity.type
_entity.pdbx_description
1 polymer 'Genome polyprotein'
2 non-polymer 'ZINC ION'
3 non-polymer '2-(N-MORPHOLINO)-ETHANESULFONIC ACID'
4 non-polymer 'DIMETHYL SULFOXIDE'
5 non-polymer DI(HYDROXYETHYL)ETHER
6 non-polymer 'PHOSPHATE ION'
7 non-polymer 'N-[(3-fluorophenyl)methyl]-N-methylsulfuric diamide'
8 water water
#
_entity_poly.entity_id   1
_entity_poly.type   'polypeptide(L)'
_entity_poly.pdbx_seq_one_letter_code
;GPGIESETPNLDIIGKRIEKIKQEHETSWHYDQDHPYKTWAYHGSYETKQTGSASSMVNGVVRLLTKPWDIIPMVTQMAM
TDTTPFGQQRVFKEKVDTRTQEPKEGTKKLMKITAEWLWKELGKKKTPRMCTREEFTRKVRSNAALGAIFTDENKWKSAR
EAVEDSGFWELVDKERNLHLEGKCETCVYNMMGKREKKLGEFGKAKGSRAIWYMWLGARFLEFEALGFLNEDHWFSRENS
LSGVEGEGLHKLGYILRDVSKKEGGAMYADDTAGWDTRITLEDLKNEEMVTNHMEGEHKKLAEAIFKLTYQNKVVRVQRP
TPRGTVMDIISRRDQRGSGQVVTYGLNTFTNMEAQLIRQMEGEGVFKSIQHLTVTEEIAVKNWLVRVGRERLSRMAISGD
DCVVKPLDDRFASALTALNDMGKVRKDIQQWEPSRGWNDWTQVPFCSHHFHELIMKDGRVLVVPCRNQDELIGRARISQG
AGWSLRETACLGKSYAQMWSLMYFHRRDLRLAANAICSAVPSHWVPTSRTTWSIHATHEWMTTEDMLTVWNRVWIQENPW
MEDKTPVESWEEIPYLGKREDQWCGSLIGLTSRATWAKNIQTAINQVRSLIGNEEYTDYMPSMKRFRREEEEAGVLW
;
_entity_poly.pdbx_strand_id   A
#
loop_
_chem_comp.id
_chem_comp.type
_chem_comp.name
_chem_comp.formula
DMS non-polymer 'DIMETHYL SULFOXIDE' 'C2 H6 O S'
MES non-polymer '2-(N-MORPHOLINO)-ETHANESULFONIC ACID' 'C6 H13 N O4 S'
O0P non-polymer 'N-[(3-fluorophenyl)methyl]-N-methylsulfuric diamide' 'C8 H11 F N2 O2 S'
PEG non-polymer DI(HYDROXYETHYL)ETHER 'C4 H10 O3'
PO4 non-polymer 'PHOSPHATE ION' 'O4 P -3'
ZN non-polymer 'ZINC ION' 'Zn 2'
#
# COMPACT_ATOMS: atom_id res chain seq x y z
N ASN A 10 -13.66 29.36 -1.90
CA ASN A 10 -12.16 29.29 -1.86
C ASN A 10 -11.67 29.79 -0.47
N LEU A 11 -11.25 31.06 -0.35
CA LEU A 11 -10.32 31.55 0.72
C LEU A 11 -11.03 31.68 2.06
N ASP A 12 -12.37 31.74 2.05
CA ASP A 12 -13.18 31.65 3.30
C ASP A 12 -12.71 30.39 4.07
N ILE A 13 -12.52 29.27 3.37
CA ILE A 13 -12.31 27.92 3.98
C ILE A 13 -10.83 27.71 4.36
N ILE A 14 -9.90 28.25 3.57
CA ILE A 14 -8.43 28.05 3.79
C ILE A 14 -7.82 29.24 4.55
N GLY A 15 -8.42 30.44 4.42
CA GLY A 15 -7.88 31.71 4.94
C GLY A 15 -7.44 31.63 6.41
N LYS A 16 -8.33 31.17 7.28
CA LYS A 16 -8.10 31.03 8.76
C LYS A 16 -6.80 30.26 9.00
N ARG A 17 -6.68 29.10 8.34
CA ARG A 17 -5.46 28.27 8.34
C ARG A 17 -4.27 29.11 7.86
N ILE A 18 -4.49 29.97 6.85
CA ILE A 18 -3.41 30.80 6.22
C ILE A 18 -3.07 31.95 7.18
N GLU A 19 -4.08 32.72 7.61
CA GLU A 19 -3.91 33.85 8.58
C GLU A 19 -3.07 33.38 9.75
N LYS A 20 -3.38 32.20 10.31
CA LYS A 20 -2.70 31.63 11.50
C LYS A 20 -1.22 31.40 11.23
N ILE A 21 -0.86 30.80 10.08
CA ILE A 21 0.56 30.45 9.74
C ILE A 21 1.33 31.75 9.47
N LYS A 22 0.70 32.68 8.74
CA LYS A 22 1.22 34.04 8.44
C LYS A 22 1.83 34.63 9.71
N GLN A 23 1.10 34.55 10.82
CA GLN A 23 1.40 35.28 12.09
C GLN A 23 2.40 34.50 12.96
N GLU A 24 2.46 33.17 12.89
CA GLU A 24 3.49 32.37 13.62
C GLU A 24 4.89 32.71 13.06
N HIS A 25 4.95 33.42 11.92
CA HIS A 25 6.21 33.87 11.27
C HIS A 25 6.05 35.31 10.74
N GLU A 26 5.69 36.26 11.63
CA GLU A 26 5.29 37.66 11.31
C GLU A 26 6.49 38.50 10.87
N THR A 27 7.71 38.16 11.30
CA THR A 27 8.98 38.77 10.82
C THR A 27 9.61 37.84 9.77
N SER A 28 8.86 37.49 8.71
CA SER A 28 9.29 36.64 7.56
C SER A 28 8.39 36.84 6.32
N TRP A 29 7.06 36.78 6.49
CA TRP A 29 6.05 36.72 5.38
C TRP A 29 6.47 37.58 4.18
N HIS A 30 6.66 36.97 3.00
CA HIS A 30 7.10 37.66 1.77
C HIS A 30 6.42 37.10 0.51
N TYR A 31 5.35 37.74 0.04
CA TYR A 31 4.61 37.36 -1.20
C TYR A 31 5.57 37.40 -2.39
N ASP A 32 6.32 36.31 -2.59
CA ASP A 32 7.28 36.11 -3.70
C ASP A 32 6.55 36.21 -5.04
N GLN A 33 7.28 36.56 -6.11
CA GLN A 33 6.81 36.64 -7.52
C GLN A 33 7.77 35.86 -8.44
N ASP A 34 8.74 35.13 -7.89
CA ASP A 34 9.58 34.13 -8.61
C ASP A 34 9.17 32.73 -8.12
N HIS A 35 7.87 32.52 -7.83
CA HIS A 35 7.31 31.26 -7.26
C HIS A 35 6.97 30.30 -8.41
N PRO A 36 7.45 29.03 -8.34
CA PRO A 36 7.32 28.09 -9.46
C PRO A 36 5.94 27.44 -9.69
N TYR A 37 4.87 27.98 -9.11
CA TYR A 37 3.52 27.34 -9.14
C TYR A 37 2.72 27.93 -10.31
N LYS A 38 2.10 27.03 -11.09
CA LYS A 38 1.01 27.37 -12.04
C LYS A 38 -0.30 26.73 -11.51
N THR A 39 -0.29 25.43 -11.23
CA THR A 39 -1.50 24.64 -10.89
C THR A 39 -1.84 24.80 -9.40
N TRP A 40 -0.84 24.88 -8.52
CA TRP A 40 -1.00 25.21 -7.08
C TRP A 40 -1.15 26.72 -6.92
N ALA A 41 -2.27 27.18 -6.32
CA ALA A 41 -2.44 28.53 -5.75
C ALA A 41 -1.36 28.77 -4.70
N TYR A 42 -0.90 30.01 -4.60
CA TYR A 42 0.27 30.43 -3.80
C TYR A 42 -0.15 31.63 -2.95
N HIS A 43 0.30 31.67 -1.69
CA HIS A 43 -0.21 32.71 -0.77
C HIS A 43 0.91 33.51 -0.11
N GLY A 44 2.10 32.94 0.02
CA GLY A 44 3.27 33.63 0.62
C GLY A 44 4.32 32.64 1.09
N SER A 45 5.33 33.11 1.84
CA SER A 45 6.53 32.31 2.24
C SER A 45 7.03 32.77 3.62
N TYR A 46 8.09 32.13 4.15
CA TYR A 46 8.72 32.39 5.48
C TYR A 46 9.99 31.53 5.65
N GLU A 47 10.89 31.93 6.55
CA GLU A 47 12.28 31.37 6.71
C GLU A 47 12.22 29.97 7.39
N THR A 48 13.04 29.03 6.91
CA THR A 48 13.26 27.66 7.48
C THR A 48 14.65 27.13 7.07
N LYS A 49 15.04 25.94 7.53
CA LYS A 49 16.30 25.25 7.12
C LYS A 49 16.32 23.79 7.61
N GLN A 50 16.99 22.92 6.85
CA GLN A 50 17.37 21.51 7.18
C GLN A 50 17.02 20.59 5.98
N THR A 51 17.29 19.28 6.11
CA THR A 51 17.19 18.24 5.05
C THR A 51 16.94 18.90 3.68
N ALA A 54 16.98 12.94 4.81
CA ALA A 54 16.54 11.65 5.39
C ALA A 54 16.82 10.50 4.40
N SER A 55 18.02 9.90 4.46
CA SER A 55 18.53 8.84 3.53
C SER A 55 18.41 7.44 4.16
N SER A 56 18.87 6.41 3.44
CA SER A 56 18.64 4.98 3.73
C SER A 56 19.97 4.27 4.09
N MET A 57 19.99 3.52 5.21
CA MET A 57 21.24 2.88 5.74
C MET A 57 21.27 1.39 5.39
N VAL A 58 22.45 0.80 5.34
CA VAL A 58 22.59 -0.65 5.04
C VAL A 58 22.52 -1.46 6.33
N ASN A 59 21.78 -2.58 6.29
CA ASN A 59 21.69 -3.57 7.38
C ASN A 59 22.86 -4.54 7.23
N GLY A 60 23.86 -4.41 8.09
CA GLY A 60 25.11 -5.17 8.06
C GLY A 60 24.89 -6.66 8.32
N VAL A 61 23.93 -6.98 9.14
CA VAL A 61 23.65 -8.40 9.44
C VAL A 61 23.22 -9.08 8.13
N VAL A 62 22.28 -8.51 7.38
CA VAL A 62 21.77 -9.13 6.11
C VAL A 62 22.90 -9.09 5.07
N ARG A 63 23.60 -7.97 4.96
CA ARG A 63 24.65 -7.86 3.92
C ARG A 63 25.75 -8.90 4.19
N LEU A 64 26.23 -9.06 5.42
CA LEU A 64 27.35 -10.02 5.67
C LEU A 64 26.92 -11.46 5.32
N LEU A 65 25.62 -11.74 5.39
CA LEU A 65 25.09 -13.12 5.13
C LEU A 65 24.58 -13.28 3.70
N THR A 66 24.78 -12.27 2.84
CA THR A 66 24.43 -12.33 1.41
C THR A 66 25.62 -11.79 0.59
N LYS A 67 26.79 -12.31 0.82
CA LYS A 67 28.00 -11.78 0.14
C LYS A 67 27.96 -11.88 -1.40
N PRO A 68 27.47 -12.97 -2.03
CA PRO A 68 27.48 -13.04 -3.50
C PRO A 68 26.84 -11.78 -4.15
N TRP A 69 25.85 -11.19 -3.49
CA TRP A 69 25.08 -10.06 -4.01
C TRP A 69 25.85 -8.75 -3.84
N ASP A 70 27.04 -8.78 -3.25
CA ASP A 70 27.86 -7.56 -3.12
C ASP A 70 28.37 -7.03 -4.47
N ILE A 71 28.29 -7.85 -5.53
CA ILE A 71 28.83 -7.56 -6.89
C ILE A 71 27.68 -7.42 -7.91
N ILE A 72 26.42 -7.58 -7.49
CA ILE A 72 25.23 -7.48 -8.36
C ILE A 72 24.72 -6.04 -8.29
N PRO A 73 24.92 -5.20 -9.34
CA PRO A 73 24.52 -3.80 -9.31
C PRO A 73 23.05 -3.54 -9.01
N MET A 74 22.14 -4.39 -9.48
CA MET A 74 20.71 -4.27 -9.17
C MET A 74 20.50 -4.27 -7.64
N VAL A 75 21.23 -5.11 -6.89
CA VAL A 75 21.18 -5.10 -5.38
C VAL A 75 21.90 -3.85 -4.85
N THR A 76 23.16 -3.62 -5.19
CA THR A 76 24.01 -2.63 -4.48
C THR A 76 23.50 -1.22 -4.76
N GLN A 77 22.93 -0.99 -5.95
CA GLN A 77 22.46 0.35 -6.39
C GLN A 77 21.22 0.75 -5.60
N MET A 78 20.40 -0.21 -5.20
CA MET A 78 19.12 0.04 -4.47
C MET A 78 19.42 0.79 -3.17
N ALA A 79 20.59 0.58 -2.55
CA ALA A 79 20.91 1.22 -1.25
C ALA A 79 21.51 2.63 -1.43
N MET A 80 21.74 3.12 -2.65
CA MET A 80 22.37 4.46 -2.85
C MET A 80 21.28 5.50 -3.09
N THR A 81 21.64 6.80 -3.03
CA THR A 81 20.79 7.93 -3.49
C THR A 81 21.00 9.19 -2.65
N PHE A 92 8.99 12.21 -9.68
CA PHE A 92 8.80 13.40 -10.54
C PHE A 92 7.83 14.37 -9.82
N LYS A 93 8.37 15.39 -9.15
CA LYS A 93 7.60 16.44 -8.41
C LYS A 93 7.11 17.49 -9.43
N GLU A 94 7.54 17.36 -10.70
CA GLU A 94 6.97 18.06 -11.87
C GLU A 94 5.84 17.21 -12.45
N LYS A 95 5.28 16.31 -11.64
CA LYS A 95 4.00 15.58 -11.87
C LYS A 95 2.96 16.03 -10.84
N VAL A 96 3.37 16.61 -9.70
CA VAL A 96 2.44 17.18 -8.69
C VAL A 96 1.92 18.53 -9.21
N ASP A 97 2.72 19.26 -10.00
CA ASP A 97 2.31 20.54 -10.65
C ASP A 97 1.80 20.23 -12.07
N THR A 98 0.84 19.29 -12.22
CA THR A 98 0.06 19.04 -13.48
C THR A 98 -1.42 19.34 -13.21
N ARG A 99 -2.28 19.30 -14.23
CA ARG A 99 -3.73 19.66 -14.14
C ARG A 99 -4.57 18.66 -14.96
N THR A 100 -5.72 18.23 -14.43
CA THR A 100 -6.63 17.25 -15.07
C THR A 100 -7.95 17.93 -15.42
N GLN A 101 -8.40 17.83 -16.68
CA GLN A 101 -9.67 18.46 -17.16
C GLN A 101 -10.86 17.84 -16.42
N GLU A 102 -11.92 18.63 -16.19
CA GLU A 102 -13.19 18.13 -15.62
C GLU A 102 -13.83 17.16 -16.63
N PRO A 103 -14.16 15.94 -16.19
CA PRO A 103 -14.87 15.00 -17.07
C PRO A 103 -16.05 15.70 -17.74
N LYS A 104 -16.48 15.16 -18.88
CA LYS A 104 -17.71 15.52 -19.61
C LYS A 104 -18.93 15.05 -18.79
N GLU A 105 -20.12 15.48 -19.20
CA GLU A 105 -21.36 15.37 -18.41
C GLU A 105 -21.74 13.90 -18.29
N GLY A 106 -21.60 13.12 -19.36
CA GLY A 106 -21.94 11.69 -19.39
C GLY A 106 -21.01 10.87 -18.48
N THR A 107 -19.73 11.22 -18.46
CA THR A 107 -18.71 10.65 -17.54
C THR A 107 -19.16 10.90 -16.09
N LYS A 108 -19.39 12.17 -15.76
CA LYS A 108 -19.86 12.63 -14.40
C LYS A 108 -21.12 11.87 -13.95
N LYS A 109 -22.09 11.63 -14.83
CA LYS A 109 -23.32 10.89 -14.49
C LYS A 109 -23.00 9.41 -14.21
N LEU A 110 -22.16 8.82 -15.07
CA LEU A 110 -21.70 7.40 -14.97
C LEU A 110 -21.03 7.22 -13.60
N MET A 111 -20.19 8.17 -13.24
CA MET A 111 -19.41 8.13 -11.98
C MET A 111 -20.35 8.29 -10.76
N LYS A 112 -21.21 9.31 -10.74
CA LYS A 112 -22.16 9.57 -9.63
C LYS A 112 -23.07 8.34 -9.46
N ILE A 113 -23.69 7.83 -10.53
CA ILE A 113 -24.59 6.66 -10.44
C ILE A 113 -23.81 5.48 -9.86
N THR A 114 -22.58 5.24 -10.36
CA THR A 114 -21.78 4.02 -9.99
C THR A 114 -21.37 4.16 -8.50
N ALA A 115 -20.95 5.36 -8.08
CA ALA A 115 -20.48 5.67 -6.71
C ALA A 115 -21.63 5.45 -5.71
N GLU A 116 -22.79 6.05 -5.99
CA GLU A 116 -24.02 5.88 -5.19
C GLU A 116 -24.27 4.38 -4.94
N TRP A 117 -24.26 3.57 -6.01
CA TRP A 117 -24.56 2.12 -5.98
C TRP A 117 -23.46 1.34 -5.22
N LEU A 118 -22.21 1.81 -5.28
CA LEU A 118 -21.06 1.06 -4.70
C LEU A 118 -21.06 1.26 -3.18
N TRP A 119 -21.25 2.50 -2.69
CA TRP A 119 -21.37 2.79 -1.24
C TRP A 119 -22.54 1.99 -0.63
N LYS A 120 -23.69 1.97 -1.30
CA LYS A 120 -24.83 1.12 -0.86
C LYS A 120 -24.36 -0.32 -0.72
N GLU A 121 -23.68 -0.89 -1.71
CA GLU A 121 -23.32 -2.33 -1.65
C GLU A 121 -22.36 -2.57 -0.49
N LEU A 122 -21.42 -1.65 -0.31
CA LEU A 122 -20.33 -1.79 0.71
C LEU A 122 -20.96 -1.67 2.11
N GLY A 123 -22.00 -0.86 2.22
CA GLY A 123 -22.72 -0.56 3.47
C GLY A 123 -23.83 -1.56 3.77
N LYS A 124 -24.17 -2.46 2.86
CA LYS A 124 -25.26 -3.43 3.13
C LYS A 124 -25.00 -4.22 4.42
N LYS A 125 -23.76 -4.59 4.71
CA LYS A 125 -23.42 -5.45 5.87
C LYS A 125 -22.40 -4.74 6.77
N LYS A 126 -22.28 -3.42 6.69
CA LYS A 126 -21.40 -2.65 7.58
C LYS A 126 -22.17 -1.45 8.14
N THR A 127 -21.78 -1.02 9.34
CA THR A 127 -22.31 0.18 10.02
C THR A 127 -21.17 1.16 10.16
N PRO A 128 -21.20 2.30 9.45
CA PRO A 128 -20.23 3.36 9.71
C PRO A 128 -20.27 3.74 11.20
N ARG A 129 -19.12 4.12 11.75
CA ARG A 129 -19.01 4.50 13.17
C ARG A 129 -17.72 5.30 13.40
N MET A 130 -17.69 6.01 14.53
CA MET A 130 -16.51 6.83 14.89
C MET A 130 -15.45 5.90 15.48
N CYS A 131 -14.19 6.17 15.18
CA CYS A 131 -13.04 5.54 15.89
C CYS A 131 -12.68 6.39 17.12
N THR A 132 -12.12 5.76 18.14
CA THR A 132 -11.99 6.35 19.51
C THR A 132 -10.53 6.78 19.78
N ARG A 133 -10.35 7.79 20.63
CA ARG A 133 -9.06 8.18 21.26
C ARG A 133 -8.40 6.90 21.79
N GLU A 134 -9.18 6.07 22.50
CA GLU A 134 -8.74 4.77 23.02
C GLU A 134 -8.11 4.00 21.85
N GLU A 135 -8.85 3.74 20.77
CA GLU A 135 -8.36 3.03 19.55
C GLU A 135 -7.11 3.72 18.99
N PHE A 136 -7.18 5.05 18.82
CA PHE A 136 -6.08 5.88 18.26
C PHE A 136 -4.81 5.70 19.09
N THR A 137 -4.97 5.70 20.43
CA THR A 137 -3.85 5.60 21.40
C THR A 137 -3.16 4.24 21.30
N ARG A 138 -3.91 3.14 21.25
CA ARG A 138 -3.29 1.79 21.17
C ARG A 138 -2.51 1.70 19.86
N LYS A 139 -3.08 2.21 18.77
CA LYS A 139 -2.42 2.31 17.45
C LYS A 139 -1.02 2.91 17.67
N VAL A 140 -0.91 4.09 18.28
CA VAL A 140 0.38 4.84 18.39
C VAL A 140 1.40 3.96 19.13
N ARG A 141 0.96 3.18 20.13
CA ARG A 141 1.84 2.49 21.11
C ARG A 141 2.37 1.16 20.55
N SER A 142 1.93 0.73 19.37
CA SER A 142 2.48 -0.46 18.67
C SER A 142 2.78 -0.16 17.19
N ASN A 143 2.52 1.08 16.73
CA ASN A 143 3.10 1.71 15.50
C ASN A 143 2.55 1.08 14.21
N ALA A 144 1.92 1.89 13.36
CA ALA A 144 1.60 1.60 11.94
C ALA A 144 1.70 2.91 11.16
N ALA A 145 2.90 3.51 11.16
CA ALA A 145 3.24 4.86 10.65
C ALA A 145 2.00 5.66 10.24
N LEU A 146 1.38 6.41 11.16
CA LEU A 146 0.19 7.25 10.90
C LEU A 146 0.59 8.57 10.24
N GLY A 147 1.73 9.15 10.64
CA GLY A 147 2.27 10.42 10.10
C GLY A 147 1.97 11.60 11.00
N ALA A 148 2.90 11.91 11.91
CA ALA A 148 2.81 13.06 12.87
C ALA A 148 3.88 14.10 12.49
N ILE A 149 4.24 14.98 13.43
CA ILE A 149 5.38 15.95 13.32
C ILE A 149 6.24 15.88 14.58
N PHE A 150 7.44 16.49 14.54
CA PHE A 150 8.37 16.67 15.69
C PHE A 150 7.65 17.52 16.76
N ASN A 154 7.44 22.54 17.40
CA ASN A 154 7.20 21.22 18.05
C ASN A 154 6.78 21.46 19.51
N LYS A 155 5.87 20.63 20.03
CA LYS A 155 5.33 20.68 21.42
C LYS A 155 5.67 19.38 22.18
N TRP A 156 5.69 18.22 21.49
CA TRP A 156 6.10 16.88 22.00
C TRP A 156 7.09 16.23 21.01
N LYS A 157 7.93 15.29 21.46
CA LYS A 157 8.94 14.63 20.59
C LYS A 157 8.22 13.65 19.64
N SER A 158 7.94 12.43 20.11
CA SER A 158 7.19 11.39 19.36
C SER A 158 5.70 11.67 19.52
N ALA A 159 4.87 10.87 18.85
CA ALA A 159 3.40 10.87 19.02
C ALA A 159 3.05 10.06 20.28
N ARG A 160 3.91 9.10 20.65
CA ARG A 160 3.84 8.32 21.91
C ARG A 160 3.57 9.27 23.10
N GLU A 161 4.26 10.42 23.16
CA GLU A 161 4.20 11.39 24.28
C GLU A 161 2.88 12.18 24.27
N ALA A 162 2.59 12.84 23.14
CA ALA A 162 1.45 13.79 22.97
C ALA A 162 0.13 13.13 23.39
N VAL A 163 0.06 11.81 23.23
CA VAL A 163 -1.17 10.98 23.35
C VAL A 163 -1.49 10.79 24.85
N GLU A 164 -0.48 10.91 25.73
CA GLU A 164 -0.66 10.72 27.20
C GLU A 164 -1.00 12.05 27.88
N ASP A 165 -0.55 13.17 27.31
CA ASP A 165 -0.80 14.54 27.83
C ASP A 165 -2.21 15.01 27.40
N SER A 166 -2.97 15.59 28.33
CA SER A 166 -4.38 16.02 28.14
C SER A 166 -4.44 17.43 27.53
N GLY A 167 -3.31 18.14 27.46
CA GLY A 167 -3.17 19.41 26.72
C GLY A 167 -3.55 19.22 25.25
N PHE A 168 -2.76 18.42 24.53
CA PHE A 168 -3.04 17.84 23.20
C PHE A 168 -4.55 17.71 22.95
N TRP A 169 -5.24 16.88 23.74
CA TRP A 169 -6.66 16.52 23.51
C TRP A 169 -7.56 17.75 23.66
N GLU A 170 -7.11 18.80 24.34
CA GLU A 170 -7.80 20.12 24.33
C GLU A 170 -7.52 20.80 22.99
N LEU A 171 -6.29 20.71 22.48
CA LEU A 171 -5.97 21.19 21.12
C LEU A 171 -6.93 20.48 20.14
N VAL A 172 -7.06 19.15 20.31
CA VAL A 172 -7.93 18.28 19.48
C VAL A 172 -9.40 18.68 19.66
N ASP A 173 -9.84 19.03 20.87
CA ASP A 173 -11.24 19.44 21.12
C ASP A 173 -11.51 20.81 20.47
N LYS A 174 -10.56 21.73 20.57
CA LYS A 174 -10.76 23.11 20.02
C LYS A 174 -11.09 22.94 18.53
N GLU A 175 -10.26 22.12 17.85
CA GLU A 175 -10.33 21.93 16.39
C GLU A 175 -11.59 21.15 16.04
N ARG A 176 -11.92 20.12 16.84
CA ARG A 176 -13.16 19.31 16.69
C ARG A 176 -14.37 20.23 16.70
N ASN A 177 -14.47 21.13 17.69
CA ASN A 177 -15.64 22.06 17.80
C ASN A 177 -15.62 23.05 16.63
N LEU A 178 -14.43 23.44 16.19
CA LEU A 178 -14.25 24.25 14.95
C LEU A 178 -14.85 23.51 13.74
N HIS A 179 -14.44 22.26 13.47
CA HIS A 179 -14.99 21.44 12.36
C HIS A 179 -16.53 21.33 12.44
N LEU A 180 -17.12 21.21 13.64
CA LEU A 180 -18.60 21.18 13.82
C LEU A 180 -19.18 22.54 13.43
N GLU A 181 -18.40 23.62 13.52
CA GLU A 181 -18.79 24.99 13.13
C GLU A 181 -18.67 25.12 11.60
N GLY A 182 -17.86 24.27 10.94
CA GLY A 182 -17.56 24.34 9.50
C GLY A 182 -16.31 25.17 9.21
N LYS A 183 -15.37 25.20 10.14
CA LYS A 183 -14.12 26.00 10.07
C LYS A 183 -12.91 25.14 10.45
N CYS A 184 -11.71 25.56 10.07
CA CYS A 184 -10.45 24.79 10.24
C CYS A 184 -9.30 25.74 10.57
N GLU A 185 -8.47 25.37 11.56
CA GLU A 185 -7.32 26.20 11.99
C GLU A 185 -6.00 25.46 11.73
N THR A 186 -5.89 24.18 12.10
CA THR A 186 -4.56 23.53 12.26
C THR A 186 -4.33 22.36 11.29
N CYS A 187 -5.32 22.00 10.46
CA CYS A 187 -5.27 20.83 9.55
C CYS A 187 -4.55 21.20 8.24
N VAL A 188 -3.23 21.19 8.26
CA VAL A 188 -2.34 21.70 7.17
C VAL A 188 -1.36 20.60 6.74
N TYR A 189 -1.25 20.37 5.44
CA TYR A 189 -0.41 19.29 4.87
C TYR A 189 1.05 19.76 4.76
N ASN A 190 1.98 18.82 4.97
CA ASN A 190 3.46 19.02 4.88
C ASN A 190 4.04 18.07 3.81
N MET A 191 4.60 18.61 2.72
CA MET A 191 4.99 17.85 1.50
C MET A 191 6.45 17.43 1.58
N MET A 192 6.78 16.22 1.10
CA MET A 192 8.16 15.65 1.01
C MET A 192 8.18 14.52 -0.02
N SER A 208 7.07 8.60 -8.66
CA SER A 208 5.74 9.10 -8.22
C SER A 208 5.46 8.66 -6.77
N ARG A 209 6.18 9.25 -5.82
CA ARG A 209 5.92 9.18 -4.36
C ARG A 209 6.03 10.59 -3.76
N ALA A 210 4.90 11.18 -3.36
CA ALA A 210 4.80 12.43 -2.56
C ALA A 210 3.91 12.16 -1.35
N ILE A 211 4.47 12.26 -0.14
CA ILE A 211 3.81 11.85 1.15
C ILE A 211 3.56 13.12 1.97
N TRP A 212 2.30 13.39 2.33
CA TRP A 212 1.90 14.59 3.10
C TRP A 212 1.56 14.19 4.54
N TYR A 213 2.51 14.43 5.47
CA TYR A 213 2.34 14.31 6.95
C TYR A 213 1.56 15.51 7.48
N MET A 214 0.69 15.27 8.48
CA MET A 214 -0.02 16.32 9.27
C MET A 214 0.40 16.15 10.73
N TRP A 215 0.11 17.13 11.60
CA TRP A 215 0.29 16.98 13.07
C TRP A 215 -0.75 15.96 13.61
N LEU A 216 -0.33 15.21 14.61
CA LEU A 216 -1.09 14.06 15.16
C LEU A 216 -2.57 14.39 15.28
N GLY A 217 -2.88 15.59 15.78
CA GLY A 217 -4.26 16.00 16.12
C GLY A 217 -5.17 15.96 14.92
N ALA A 218 -4.69 16.42 13.76
CA ALA A 218 -5.45 16.39 12.50
C ALA A 218 -5.58 14.94 12.02
N ARG A 219 -4.53 14.12 12.20
CA ARG A 219 -4.55 12.66 11.90
C ARG A 219 -5.64 12.02 12.75
N PHE A 220 -5.70 12.37 14.03
CA PHE A 220 -6.73 11.83 14.95
C PHE A 220 -8.12 12.12 14.39
N LEU A 221 -8.38 13.38 14.05
CA LEU A 221 -9.70 13.86 13.58
C LEU A 221 -10.05 13.16 12.26
N GLU A 222 -9.04 12.89 11.42
CA GLU A 222 -9.21 12.10 10.18
C GLU A 222 -9.63 10.67 10.55
N PHE A 223 -8.95 10.06 11.53
CA PHE A 223 -9.14 8.67 12.04
C PHE A 223 -10.52 8.52 12.70
N GLU A 224 -10.88 9.46 13.58
CA GLU A 224 -12.24 9.59 14.21
C GLU A 224 -13.32 9.37 13.14
N ALA A 225 -13.20 10.04 12.00
CA ALA A 225 -14.27 10.17 10.99
C ALA A 225 -14.26 9.01 9.98
N LEU A 226 -13.07 8.58 9.51
CA LEU A 226 -12.94 7.71 8.29
C LEU A 226 -12.21 6.40 8.62
N GLY A 227 -11.66 6.29 9.81
CA GLY A 227 -10.89 5.11 10.27
C GLY A 227 -11.69 3.84 10.10
N PHE A 228 -13.02 3.94 10.17
CA PHE A 228 -13.90 2.75 10.14
C PHE A 228 -13.69 1.98 8.84
N LEU A 229 -13.33 2.66 7.74
CA LEU A 229 -13.19 2.03 6.39
C LEU A 229 -12.14 0.92 6.47
N ASN A 230 -11.02 1.25 7.09
CA ASN A 230 -9.91 0.30 7.31
C ASN A 230 -10.21 -0.58 8.52
N GLU A 231 -10.46 0.03 9.70
CA GLU A 231 -10.64 -0.68 11.00
C GLU A 231 -11.73 -1.76 10.88
N ASP A 232 -12.80 -1.53 10.10
CA ASP A 232 -13.94 -2.49 9.97
C ASP A 232 -13.92 -3.18 8.60
N HIS A 233 -12.84 -3.06 7.82
CA HIS A 233 -12.60 -3.97 6.66
C HIS A 233 -13.67 -3.79 5.58
N TRP A 234 -13.92 -2.55 5.19
CA TRP A 234 -14.93 -2.21 4.13
C TRP A 234 -14.46 -2.75 2.76
N PHE A 235 -13.14 -2.79 2.52
CA PHE A 235 -12.54 -3.34 1.29
C PHE A 235 -12.00 -4.76 1.51
N SER A 236 -12.47 -5.52 2.48
CA SER A 236 -12.19 -6.99 2.50
C SER A 236 -12.77 -7.60 1.22
N ARG A 237 -12.27 -8.76 0.80
CA ARG A 237 -12.88 -9.45 -0.36
C ARG A 237 -14.32 -9.89 -0.03
N GLU A 238 -14.58 -10.38 1.17
CA GLU A 238 -15.93 -10.90 1.55
C GLU A 238 -16.92 -9.74 1.41
N ASN A 239 -16.52 -8.56 1.83
CA ASN A 239 -17.46 -7.43 1.87
C ASN A 239 -17.58 -6.74 0.51
N SER A 240 -16.47 -6.49 -0.19
CA SER A 240 -16.39 -5.58 -1.38
C SER A 240 -16.32 -6.36 -2.70
N LEU A 241 -15.96 -7.65 -2.70
CA LEU A 241 -15.90 -8.59 -3.87
C LEU A 241 -14.65 -8.37 -4.75
N SER A 242 -14.26 -7.13 -5.03
CA SER A 242 -13.04 -6.75 -5.79
C SER A 242 -11.84 -6.58 -4.87
N GLY A 243 -12.09 -6.21 -3.61
CA GLY A 243 -11.03 -5.80 -2.68
C GLY A 243 -10.24 -6.99 -2.18
N VAL A 244 -9.06 -6.73 -1.64
CA VAL A 244 -8.14 -7.72 -1.02
C VAL A 244 -7.62 -7.16 0.33
N GLU A 245 -8.30 -6.19 0.95
CA GLU A 245 -7.77 -5.56 2.21
C GLU A 245 -7.70 -6.64 3.30
N GLY A 246 -6.56 -6.75 3.96
CA GLY A 246 -6.37 -7.79 5.00
C GLY A 246 -5.99 -9.13 4.41
N GLU A 247 -5.87 -9.27 3.10
CA GLU A 247 -5.78 -10.60 2.46
C GLU A 247 -4.43 -11.23 2.80
N GLY A 248 -3.31 -10.62 2.48
CA GLY A 248 -2.00 -11.27 2.73
C GLY A 248 -1.44 -11.90 1.45
N LEU A 249 -0.13 -11.88 1.31
N LEU A 249 -0.12 -11.85 1.27
CA LEU A 249 0.63 -12.24 0.08
CA LEU A 249 0.61 -12.26 0.03
C LEU A 249 0.41 -13.72 -0.25
C LEU A 249 0.30 -13.72 -0.29
N HIS A 250 0.10 -14.54 0.75
CA HIS A 250 -0.17 -16.00 0.65
C HIS A 250 -1.60 -16.24 0.15
N LYS A 251 -2.43 -15.20 0.02
CA LYS A 251 -3.83 -15.32 -0.45
C LYS A 251 -3.99 -14.71 -1.86
N LEU A 252 -3.17 -13.74 -2.23
CA LEU A 252 -3.36 -12.95 -3.49
C LEU A 252 -3.28 -13.88 -4.71
N GLY A 253 -2.32 -14.79 -4.74
CA GLY A 253 -2.19 -15.76 -5.85
C GLY A 253 -3.46 -16.60 -6.00
N TYR A 254 -4.00 -17.10 -4.92
CA TYR A 254 -5.22 -17.93 -4.96
C TYR A 254 -6.41 -17.08 -5.45
N ILE A 255 -6.42 -15.84 -5.07
CA ILE A 255 -7.47 -14.89 -5.53
C ILE A 255 -7.37 -14.69 -7.06
N LEU A 256 -6.20 -14.35 -7.61
CA LEU A 256 -6.04 -14.14 -9.07
C LEU A 256 -6.46 -15.42 -9.76
N ARG A 257 -6.11 -16.56 -9.19
CA ARG A 257 -6.43 -17.87 -9.81
C ARG A 257 -7.95 -18.04 -9.80
N ASP A 258 -8.62 -17.64 -8.73
CA ASP A 258 -10.10 -17.73 -8.67
C ASP A 258 -10.68 -16.85 -9.78
N VAL A 259 -10.24 -15.59 -9.92
CA VAL A 259 -10.67 -14.71 -11.03
C VAL A 259 -10.42 -15.41 -12.39
N SER A 260 -9.30 -16.12 -12.56
CA SER A 260 -8.93 -16.83 -13.81
C SER A 260 -9.98 -17.87 -14.23
N LYS A 261 -10.68 -18.45 -13.25
CA LYS A 261 -11.71 -19.51 -13.44
C LYS A 261 -12.91 -18.93 -14.21
N LYS A 262 -13.21 -17.65 -14.00
CA LYS A 262 -14.36 -16.93 -14.62
C LYS A 262 -14.21 -16.93 -16.14
N GLU A 263 -15.22 -17.44 -16.85
CA GLU A 263 -15.30 -17.32 -18.33
C GLU A 263 -15.17 -15.84 -18.69
N GLY A 264 -14.38 -15.53 -19.71
CA GLY A 264 -14.11 -14.15 -20.15
C GLY A 264 -12.92 -14.07 -21.07
N GLY A 265 -12.43 -12.86 -21.32
CA GLY A 265 -11.26 -12.66 -22.19
C GLY A 265 -9.97 -12.71 -21.40
N ALA A 266 -8.98 -11.94 -21.83
CA ALA A 266 -7.65 -11.86 -21.21
C ALA A 266 -7.83 -11.27 -19.82
N MET A 267 -6.79 -11.35 -18.98
CA MET A 267 -6.69 -10.56 -17.72
C MET A 267 -5.95 -9.25 -18.04
N TYR A 268 -6.49 -8.11 -17.60
CA TYR A 268 -5.94 -6.77 -17.89
C TYR A 268 -5.44 -6.17 -16.58
N ALA A 269 -4.26 -5.59 -16.63
CA ALA A 269 -3.54 -5.06 -15.48
C ALA A 269 -2.87 -3.76 -15.88
N ASP A 270 -3.67 -2.74 -16.23
CA ASP A 270 -3.12 -1.42 -16.60
C ASP A 270 -2.86 -0.68 -15.31
N ASP A 271 -1.64 -0.24 -15.09
CA ASP A 271 -1.27 0.75 -14.05
C ASP A 271 -1.65 2.15 -14.56
N THR A 272 -2.05 3.05 -13.67
CA THR A 272 -2.34 4.47 -13.98
C THR A 272 -1.04 5.24 -13.80
N ALA A 273 -0.77 6.19 -14.70
CA ALA A 273 0.34 7.17 -14.55
C ALA A 273 -0.01 8.16 -13.42
N GLY A 274 0.66 8.05 -12.28
CA GLY A 274 0.51 8.91 -11.08
C GLY A 274 -0.92 9.01 -10.58
N TRP A 275 -1.48 7.93 -10.05
CA TRP A 275 -2.91 7.86 -9.64
C TRP A 275 -3.31 9.02 -8.69
N ASP A 276 -2.51 9.34 -7.68
CA ASP A 276 -2.86 10.35 -6.63
C ASP A 276 -3.03 11.72 -7.29
N THR A 277 -2.24 12.02 -8.33
CA THR A 277 -2.24 13.31 -9.05
C THR A 277 -3.43 13.45 -10.01
N ARG A 278 -4.18 12.38 -10.31
CA ARG A 278 -5.28 12.35 -11.31
C ARG A 278 -6.65 12.21 -10.63
N ILE A 279 -6.70 12.34 -9.30
CA ILE A 279 -7.99 12.31 -8.54
C ILE A 279 -8.66 13.68 -8.73
N THR A 280 -9.84 13.72 -9.31
CA THR A 280 -10.56 14.96 -9.69
C THR A 280 -11.42 15.42 -8.51
N LEU A 281 -11.76 16.70 -8.47
CA LEU A 281 -12.76 17.22 -7.50
C LEU A 281 -14.00 16.32 -7.56
N GLU A 282 -14.40 15.83 -8.74
CA GLU A 282 -15.60 14.98 -8.93
C GLU A 282 -15.42 13.59 -8.25
N ASP A 283 -14.24 13.00 -8.41
CA ASP A 283 -13.83 11.81 -7.60
C ASP A 283 -14.02 12.12 -6.08
N LEU A 284 -13.46 13.23 -5.56
CA LEU A 284 -13.53 13.61 -4.11
C LEU A 284 -15.00 13.77 -3.65
N LYS A 285 -15.90 14.30 -4.50
CA LYS A 285 -17.35 14.44 -4.23
C LYS A 285 -18.04 13.07 -4.23
N ASN A 286 -17.59 12.13 -5.06
CA ASN A 286 -18.23 10.79 -5.11
C ASN A 286 -17.80 9.99 -3.87
N GLU A 287 -16.56 10.16 -3.43
CA GLU A 287 -16.03 9.51 -2.20
C GLU A 287 -16.84 9.99 -0.98
N GLU A 288 -17.08 11.31 -0.89
N GLU A 288 -17.06 11.32 -0.89
CA GLU A 288 -17.80 11.97 0.23
CA GLU A 288 -17.82 12.01 0.19
C GLU A 288 -19.24 11.46 0.35
C GLU A 288 -19.22 11.40 0.37
N MET A 289 -19.78 10.78 -0.66
CA MET A 289 -21.17 10.24 -0.57
C MET A 289 -21.24 9.13 0.49
N VAL A 290 -20.10 8.62 0.96
CA VAL A 290 -20.09 7.67 2.13
C VAL A 290 -20.76 8.38 3.31
N THR A 291 -20.67 9.71 3.43
CA THR A 291 -21.36 10.48 4.51
C THR A 291 -22.86 10.29 4.46
N ASN A 292 -23.44 10.07 3.28
CA ASN A 292 -24.89 9.77 3.13
C ASN A 292 -25.28 8.52 3.93
N HIS A 293 -24.33 7.72 4.40
CA HIS A 293 -24.61 6.45 5.13
C HIS A 293 -24.47 6.63 6.64
N MET A 294 -24.14 7.83 7.08
CA MET A 294 -23.71 8.18 8.47
C MET A 294 -24.82 8.96 9.18
N GLU A 295 -24.62 9.30 10.45
CA GLU A 295 -25.66 10.01 11.24
C GLU A 295 -25.05 10.79 12.40
N GLY A 296 -25.87 11.70 12.92
CA GLY A 296 -25.52 12.54 14.07
C GLY A 296 -24.21 13.25 13.83
N GLU A 297 -23.43 13.32 14.90
CA GLU A 297 -22.09 13.95 15.00
C GLU A 297 -21.17 13.34 13.93
N HIS A 298 -21.14 12.02 13.80
CA HIS A 298 -20.24 11.27 12.87
C HIS A 298 -20.38 11.89 11.47
N LYS A 299 -21.62 11.99 11.02
CA LYS A 299 -21.93 12.52 9.68
C LYS A 299 -21.28 13.88 9.55
N LYS A 300 -21.44 14.74 10.56
CA LYS A 300 -20.94 16.14 10.47
C LYS A 300 -19.42 16.13 10.52
N LEU A 301 -18.84 15.24 11.32
CA LEU A 301 -17.36 15.13 11.46
C LEU A 301 -16.74 14.68 10.12
N ALA A 302 -17.32 13.68 9.46
CA ALA A 302 -16.86 13.13 8.15
C ALA A 302 -17.02 14.21 7.08
N GLU A 303 -18.16 14.91 7.04
CA GLU A 303 -18.42 16.02 6.10
C GLU A 303 -17.34 17.10 6.19
N ALA A 304 -16.91 17.42 7.40
CA ALA A 304 -15.91 18.48 7.66
C ALA A 304 -14.57 18.01 7.10
N ILE A 305 -14.17 16.78 7.42
CA ILE A 305 -12.89 16.23 6.89
C ILE A 305 -12.94 16.34 5.35
N PHE A 306 -14.03 15.88 4.73
CA PHE A 306 -14.17 15.87 3.24
C PHE A 306 -14.14 17.31 2.68
N LYS A 307 -14.95 18.23 3.24
CA LYS A 307 -15.07 19.65 2.78
C LYS A 307 -13.78 20.45 3.06
N LEU A 308 -13.17 20.30 4.24
CA LEU A 308 -12.18 21.29 4.74
C LEU A 308 -10.75 20.80 4.54
N THR A 309 -10.51 19.49 4.46
CA THR A 309 -9.12 18.97 4.33
C THR A 309 -8.89 18.24 3.01
N TYR A 310 -9.91 17.71 2.33
CA TYR A 310 -9.77 16.90 1.09
C TYR A 310 -10.16 17.75 -0.14
N GLN A 311 -11.31 18.44 -0.10
CA GLN A 311 -11.84 19.21 -1.24
C GLN A 311 -11.32 20.66 -1.21
N ASN A 312 -10.61 21.03 -0.15
CA ASN A 312 -9.75 22.23 -0.02
C ASN A 312 -8.54 21.80 0.82
N LYS A 313 -7.34 22.27 0.51
CA LYS A 313 -6.09 21.76 1.11
C LYS A 313 -5.13 22.92 1.30
N VAL A 314 -4.27 22.83 2.30
CA VAL A 314 -3.23 23.85 2.56
C VAL A 314 -1.99 23.03 2.82
N VAL A 315 -0.91 23.35 2.11
CA VAL A 315 0.33 22.55 2.19
C VAL A 315 1.48 23.48 2.45
N ARG A 316 2.42 23.05 3.29
CA ARG A 316 3.69 23.76 3.50
C ARG A 316 4.79 22.95 2.80
N VAL A 317 5.42 23.55 1.78
CA VAL A 317 6.47 22.92 0.93
C VAL A 317 7.82 23.62 1.14
N GLN A 318 8.89 22.84 1.33
CA GLN A 318 10.26 23.34 1.55
C GLN A 318 10.93 23.61 0.19
N ARG A 319 11.34 24.86 -0.07
CA ARG A 319 11.93 25.34 -1.35
C ARG A 319 13.39 25.76 -1.13
N PRO A 320 14.39 25.09 -1.79
CA PRO A 320 15.82 25.38 -1.54
C PRO A 320 16.35 26.81 -1.79
N THR A 321 15.96 27.46 -2.90
CA THR A 321 16.46 28.80 -3.32
C THR A 321 16.44 29.78 -2.13
N THR A 325 16.66 28.41 1.50
CA THR A 325 15.58 27.45 1.90
C THR A 325 14.46 28.22 2.60
N VAL A 326 13.27 28.26 2.00
CA VAL A 326 12.05 28.88 2.60
C VAL A 326 10.91 27.85 2.55
N MET A 327 9.75 28.22 3.11
CA MET A 327 8.51 27.40 3.16
C MET A 327 7.42 28.11 2.36
N ASP A 328 6.87 27.47 1.34
CA ASP A 328 5.78 28.00 0.46
C ASP A 328 4.44 27.45 0.95
N ILE A 329 3.46 28.33 1.09
CA ILE A 329 2.13 27.96 1.62
C ILE A 329 1.18 28.06 0.44
N ILE A 330 0.87 26.90 -0.10
CA ILE A 330 0.13 26.73 -1.38
C ILE A 330 -1.12 25.92 -1.08
N SER A 331 -2.16 26.09 -1.89
CA SER A 331 -3.46 25.42 -1.78
C SER A 331 -3.86 24.83 -3.13
N ARG A 332 -4.78 23.86 -3.12
CA ARG A 332 -5.52 23.38 -4.32
C ARG A 332 -6.72 22.57 -3.83
N ARG A 333 -7.68 22.35 -4.72
CA ARG A 333 -8.97 21.67 -4.41
C ARG A 333 -8.87 20.16 -4.67
N ASP A 334 -8.11 19.74 -5.68
CA ASP A 334 -8.18 18.36 -6.26
C ASP A 334 -6.89 17.59 -5.91
N GLN A 335 -6.77 16.36 -6.43
CA GLN A 335 -5.71 15.36 -6.10
C GLN A 335 -5.93 14.77 -4.71
N ARG A 336 -5.14 13.75 -4.42
CA ARG A 336 -5.16 12.97 -3.16
C ARG A 336 -4.06 13.45 -2.23
N GLY A 337 -4.48 13.63 -0.98
CA GLY A 337 -3.67 13.95 0.22
C GLY A 337 -4.53 13.76 1.45
N SER A 338 -4.98 12.54 1.68
CA SER A 338 -5.47 12.03 2.98
C SER A 338 -4.25 11.43 3.69
N GLY A 339 -4.48 10.75 4.81
CA GLY A 339 -3.49 9.84 5.43
C GLY A 339 -3.33 8.59 4.60
N GLN A 340 -2.20 7.90 4.75
CA GLN A 340 -1.82 6.78 3.85
C GLN A 340 -2.97 5.76 3.89
N VAL A 341 -3.57 5.50 5.05
CA VAL A 341 -4.53 4.37 5.21
C VAL A 341 -5.91 4.76 4.66
N VAL A 342 -6.34 6.00 4.85
CA VAL A 342 -7.61 6.45 4.20
C VAL A 342 -7.38 6.58 2.69
N THR A 343 -6.18 7.01 2.28
CA THR A 343 -5.81 7.10 0.86
C THR A 343 -6.04 5.74 0.18
N TYR A 344 -5.63 4.66 0.85
CA TYR A 344 -5.73 3.28 0.33
C TYR A 344 -7.20 2.91 0.08
N GLY A 345 -8.07 3.16 1.06
CA GLY A 345 -9.49 2.75 0.95
C GLY A 345 -10.24 3.58 -0.08
N LEU A 346 -9.91 4.87 -0.20
CA LEU A 346 -10.64 5.77 -1.14
C LEU A 346 -10.11 5.52 -2.56
N ASN A 347 -8.82 5.24 -2.68
CA ASN A 347 -8.20 4.77 -3.95
C ASN A 347 -8.90 3.47 -4.40
N THR A 348 -9.01 2.48 -3.55
CA THR A 348 -9.68 1.20 -3.89
C THR A 348 -11.10 1.48 -4.38
N PHE A 349 -11.85 2.32 -3.65
CA PHE A 349 -13.25 2.68 -3.95
C PHE A 349 -13.34 3.26 -5.38
N THR A 350 -12.54 4.29 -5.63
CA THR A 350 -12.62 5.08 -6.89
C THR A 350 -12.09 4.22 -8.05
N ASN A 351 -11.12 3.34 -7.79
CA ASN A 351 -10.58 2.36 -8.77
C ASN A 351 -11.65 1.31 -9.08
N MET A 352 -12.34 0.77 -8.08
CA MET A 352 -13.44 -0.19 -8.32
C MET A 352 -14.43 0.49 -9.29
N GLU A 353 -14.71 1.76 -9.03
CA GLU A 353 -15.71 2.58 -9.77
C GLU A 353 -15.26 2.74 -11.23
N ALA A 354 -14.06 3.29 -11.44
CA ALA A 354 -13.48 3.42 -12.79
C ALA A 354 -13.57 2.09 -13.54
N GLN A 355 -13.21 0.98 -12.90
CA GLN A 355 -13.11 -0.30 -13.62
C GLN A 355 -14.50 -0.84 -13.92
N LEU A 356 -15.51 -0.70 -13.06
CA LEU A 356 -16.88 -1.14 -13.44
C LEU A 356 -17.34 -0.35 -14.69
N ILE A 357 -17.01 0.93 -14.76
CA ILE A 357 -17.40 1.82 -15.87
C ILE A 357 -16.67 1.40 -17.15
N ARG A 358 -15.36 1.16 -17.07
CA ARG A 358 -14.62 0.62 -18.20
C ARG A 358 -15.25 -0.69 -18.65
N GLN A 359 -15.62 -1.57 -17.72
CA GLN A 359 -16.36 -2.81 -18.06
C GLN A 359 -17.68 -2.42 -18.77
N MET A 360 -18.38 -1.36 -18.35
CA MET A 360 -19.70 -0.97 -18.94
C MET A 360 -19.48 -0.56 -20.41
N GLU A 361 -18.47 0.23 -20.67
CA GLU A 361 -18.07 0.69 -22.00
C GLU A 361 -17.79 -0.53 -22.88
N GLY A 362 -17.06 -1.53 -22.39
CA GLY A 362 -16.73 -2.73 -23.18
C GLY A 362 -17.96 -3.57 -23.54
N GLU A 363 -19.00 -3.53 -22.72
CA GLU A 363 -20.21 -4.33 -22.94
C GLU A 363 -21.25 -3.50 -23.71
N GLY A 364 -20.93 -2.27 -24.08
CA GLY A 364 -21.84 -1.37 -24.81
C GLY A 364 -23.10 -1.03 -24.02
N VAL A 365 -22.97 -0.77 -22.70
CA VAL A 365 -24.08 -0.34 -21.81
C VAL A 365 -24.40 1.13 -22.13
N PHE A 366 -23.39 1.89 -22.53
CA PHE A 366 -23.52 3.28 -23.03
C PHE A 366 -22.64 3.46 -24.27
N LYS A 367 -22.96 4.46 -25.09
CA LYS A 367 -22.40 4.62 -26.45
C LYS A 367 -21.45 5.81 -26.45
N SER A 368 -21.74 6.89 -25.72
CA SER A 368 -20.85 8.07 -25.67
C SER A 368 -20.81 8.71 -24.28
N ILE A 369 -19.61 9.14 -23.87
CA ILE A 369 -19.36 9.80 -22.56
C ILE A 369 -19.88 11.24 -22.64
N GLN A 370 -20.28 11.69 -23.84
CA GLN A 370 -20.57 13.12 -24.13
C GLN A 370 -21.81 13.52 -23.32
N HIS A 371 -22.79 12.62 -23.31
CA HIS A 371 -24.12 12.81 -22.66
C HIS A 371 -24.80 11.44 -22.58
N LEU A 372 -25.30 11.11 -21.40
CA LEU A 372 -26.14 9.90 -21.18
C LEU A 372 -27.58 10.30 -21.48
N THR A 373 -28.30 9.49 -22.27
CA THR A 373 -29.76 9.61 -22.47
C THR A 373 -30.45 9.20 -21.16
N VAL A 374 -31.78 9.15 -21.13
CA VAL A 374 -32.52 8.71 -19.92
C VAL A 374 -32.66 7.18 -19.96
N THR A 375 -32.88 6.62 -21.15
CA THR A 375 -32.89 5.16 -21.38
C THR A 375 -31.48 4.62 -21.03
N GLU A 376 -30.42 5.43 -21.18
CA GLU A 376 -29.02 4.99 -20.86
C GLU A 376 -28.79 4.99 -19.34
N GLU A 377 -29.22 6.02 -18.61
CA GLU A 377 -29.20 5.97 -17.12
C GLU A 377 -29.95 4.73 -16.65
N ILE A 378 -31.12 4.45 -17.22
CA ILE A 378 -31.93 3.26 -16.85
C ILE A 378 -31.05 2.01 -17.09
N ALA A 379 -30.37 1.92 -18.24
CA ALA A 379 -29.54 0.76 -18.63
C ALA A 379 -28.35 0.59 -17.66
N VAL A 380 -27.62 1.66 -17.36
CA VAL A 380 -26.49 1.64 -16.40
C VAL A 380 -26.97 1.09 -15.04
N LYS A 381 -28.06 1.66 -14.50
CA LYS A 381 -28.66 1.29 -13.19
C LYS A 381 -29.04 -0.20 -13.20
N ASN A 382 -29.66 -0.67 -14.29
CA ASN A 382 -30.18 -2.06 -14.38
C ASN A 382 -29.03 -3.07 -14.51
N TRP A 383 -27.96 -2.65 -15.20
CA TRP A 383 -26.69 -3.42 -15.31
C TRP A 383 -26.12 -3.62 -13.89
N LEU A 384 -25.93 -2.55 -13.14
CA LEU A 384 -25.42 -2.59 -11.75
C LEU A 384 -26.29 -3.51 -10.89
N VAL A 385 -27.61 -3.48 -11.06
CA VAL A 385 -28.54 -4.22 -10.18
C VAL A 385 -28.46 -5.70 -10.57
N ARG A 386 -28.37 -5.96 -11.86
CA ARG A 386 -28.47 -7.31 -12.44
C ARG A 386 -27.10 -8.02 -12.35
N VAL A 387 -25.97 -7.34 -12.61
CA VAL A 387 -24.67 -8.07 -12.82
C VAL A 387 -23.50 -7.42 -12.05
N GLY A 388 -23.77 -6.33 -11.33
CA GLY A 388 -22.74 -5.49 -10.69
C GLY A 388 -21.89 -6.32 -9.73
N ARG A 389 -22.53 -7.12 -8.89
CA ARG A 389 -21.78 -7.93 -7.91
C ARG A 389 -20.92 -8.92 -8.70
N GLU A 390 -21.47 -9.53 -9.75
CA GLU A 390 -20.71 -10.52 -10.57
C GLU A 390 -19.48 -9.83 -11.20
N ARG A 391 -19.64 -8.58 -11.65
CA ARG A 391 -18.59 -7.84 -12.36
C ARG A 391 -17.51 -7.42 -11.36
N LEU A 392 -17.88 -7.21 -10.09
CA LEU A 392 -16.88 -6.87 -9.04
C LEU A 392 -16.03 -8.10 -8.73
N SER A 393 -16.66 -9.26 -8.77
CA SER A 393 -15.95 -10.51 -8.44
C SER A 393 -14.93 -10.88 -9.52
N ARG A 394 -14.94 -10.18 -10.67
CA ARG A 394 -14.01 -10.39 -11.81
C ARG A 394 -12.79 -9.48 -11.68
N MET A 395 -12.65 -8.79 -10.55
CA MET A 395 -11.52 -7.87 -10.33
C MET A 395 -10.85 -8.17 -8.98
N ALA A 396 -9.58 -7.82 -8.91
CA ALA A 396 -8.76 -7.79 -7.69
C ALA A 396 -8.16 -6.39 -7.64
N ILE A 397 -8.57 -5.58 -6.66
CA ILE A 397 -8.18 -4.16 -6.62
C ILE A 397 -7.57 -3.85 -5.25
N SER A 398 -6.34 -3.35 -5.27
CA SER A 398 -5.59 -2.89 -4.10
C SER A 398 -5.23 -1.42 -4.31
N GLY A 399 -6.00 -0.50 -3.75
CA GLY A 399 -5.76 0.93 -4.02
C GLY A 399 -5.67 1.20 -5.51
N ASP A 400 -4.56 1.80 -5.96
CA ASP A 400 -4.43 2.21 -7.37
C ASP A 400 -4.12 0.99 -8.25
N ASP A 401 -3.94 -0.21 -7.68
CA ASP A 401 -3.52 -1.39 -8.47
C ASP A 401 -4.73 -2.27 -8.76
N CYS A 402 -4.83 -2.80 -9.98
CA CYS A 402 -5.95 -3.67 -10.40
C CYS A 402 -5.54 -4.76 -11.39
N VAL A 403 -6.31 -5.83 -11.33
CA VAL A 403 -6.42 -6.91 -12.34
C VAL A 403 -7.93 -7.10 -12.62
N VAL A 404 -8.33 -7.03 -13.88
CA VAL A 404 -9.73 -7.20 -14.35
C VAL A 404 -9.76 -8.35 -15.35
N LYS A 405 -10.66 -9.30 -15.16
CA LYS A 405 -10.99 -10.31 -16.19
C LYS A 405 -12.39 -9.98 -16.70
N PRO A 406 -12.48 -9.13 -17.75
CA PRO A 406 -13.77 -8.71 -18.27
C PRO A 406 -14.46 -9.86 -19.02
N LEU A 407 -15.73 -9.62 -19.30
CA LEU A 407 -16.62 -10.58 -20.00
C LEU A 407 -15.96 -11.03 -21.33
N ASP A 408 -15.23 -10.14 -22.03
CA ASP A 408 -14.54 -10.47 -23.31
C ASP A 408 -13.52 -9.38 -23.64
N ASP A 409 -12.87 -9.44 -24.80
CA ASP A 409 -11.70 -8.55 -25.07
C ASP A 409 -12.11 -7.21 -25.69
N ARG A 410 -13.39 -6.89 -25.78
CA ARG A 410 -13.80 -5.50 -26.14
C ARG A 410 -13.26 -4.50 -25.13
N PHE A 411 -13.14 -4.89 -23.86
CA PHE A 411 -12.57 -4.08 -22.74
C PHE A 411 -11.25 -3.41 -23.17
N ALA A 412 -10.40 -4.11 -23.94
CA ALA A 412 -9.01 -3.68 -24.26
C ALA A 412 -8.98 -2.32 -24.97
N SER A 413 -9.96 -2.06 -25.85
CA SER A 413 -10.09 -0.79 -26.61
C SER A 413 -11.25 0.09 -26.09
N ALA A 414 -11.83 -0.21 -24.94
CA ALA A 414 -12.84 0.67 -24.30
C ALA A 414 -12.11 1.70 -23.43
N LEU A 415 -11.70 2.82 -24.02
CA LEU A 415 -10.75 3.76 -23.39
C LEU A 415 -11.36 5.15 -23.20
N THR A 416 -12.61 5.41 -23.58
CA THR A 416 -13.07 6.83 -23.63
C THR A 416 -13.35 7.30 -22.20
N ALA A 417 -14.12 6.52 -21.42
CA ALA A 417 -14.49 6.88 -20.02
C ALA A 417 -13.24 6.91 -19.15
N LEU A 418 -12.35 5.91 -19.31
CA LEU A 418 -11.12 5.80 -18.49
C LEU A 418 -10.21 7.01 -18.71
N ASN A 419 -10.00 7.42 -19.97
CA ASN A 419 -9.17 8.62 -20.29
C ASN A 419 -9.90 9.89 -19.83
N ASP A 420 -11.23 9.99 -20.01
CA ASP A 420 -12.02 11.20 -19.63
C ASP A 420 -12.14 11.35 -18.09
N MET A 421 -12.19 10.25 -17.32
CA MET A 421 -12.10 10.32 -15.83
C MET A 421 -10.70 10.77 -15.41
N GLY A 422 -9.73 10.83 -16.33
CA GLY A 422 -8.33 11.21 -16.01
C GLY A 422 -7.45 10.04 -15.58
N LYS A 423 -7.95 8.80 -15.61
CA LYS A 423 -7.19 7.59 -15.16
C LYS A 423 -6.39 7.03 -16.36
N VAL A 424 -5.46 7.86 -16.82
CA VAL A 424 -4.63 7.65 -18.03
C VAL A 424 -3.59 6.57 -17.75
N ARG A 425 -3.52 5.58 -18.63
CA ARG A 425 -2.67 4.38 -18.41
C ARG A 425 -1.21 4.78 -18.53
N LYS A 426 -0.33 4.10 -17.78
CA LYS A 426 1.16 4.29 -17.80
C LYS A 426 1.78 3.50 -18.98
N ASP A 427 2.72 4.11 -19.71
CA ASP A 427 3.60 3.45 -20.73
C ASP A 427 2.80 2.73 -21.83
N ILE A 428 1.85 3.40 -22.45
CA ILE A 428 1.08 2.96 -23.65
C ILE A 428 0.39 4.21 -24.20
N GLN A 429 0.34 4.39 -25.51
CA GLN A 429 -0.26 5.62 -26.11
C GLN A 429 -1.74 5.71 -25.74
N GLN A 430 -2.21 6.92 -25.48
CA GLN A 430 -3.56 7.20 -24.97
C GLN A 430 -4.61 6.28 -25.59
N TRP A 431 -4.59 6.04 -26.90
CA TRP A 431 -5.71 5.35 -27.62
C TRP A 431 -5.28 3.98 -28.15
N GLU A 432 -4.09 3.51 -27.77
CA GLU A 432 -3.60 2.14 -28.12
C GLU A 432 -4.30 1.14 -27.19
N PRO A 433 -4.91 0.06 -27.70
CA PRO A 433 -5.59 -0.90 -26.84
C PRO A 433 -4.66 -1.58 -25.83
N SER A 434 -5.20 -1.92 -24.67
CA SER A 434 -4.51 -2.55 -23.55
C SER A 434 -3.99 -3.91 -24.02
N ARG A 435 -2.75 -4.26 -23.65
N ARG A 435 -2.76 -4.29 -23.66
CA ARG A 435 -2.20 -5.63 -23.78
CA ARG A 435 -2.23 -5.67 -23.86
C ARG A 435 -2.94 -6.50 -22.77
C ARG A 435 -2.84 -6.55 -22.76
N GLY A 436 -3.31 -7.74 -23.13
CA GLY A 436 -3.95 -8.70 -22.20
C GLY A 436 -3.00 -9.82 -21.81
N TRP A 437 -3.19 -10.40 -20.62
CA TRP A 437 -2.38 -11.54 -20.18
C TRP A 437 -3.26 -12.78 -20.33
N ASN A 438 -2.70 -13.85 -20.91
CA ASN A 438 -3.42 -15.10 -21.28
C ASN A 438 -3.23 -16.15 -20.18
N ASP A 439 -2.28 -15.92 -19.26
CA ASP A 439 -1.94 -16.85 -18.15
C ASP A 439 -1.90 -16.05 -16.83
N TRP A 440 -2.71 -16.47 -15.84
CA TRP A 440 -2.81 -15.80 -14.51
C TRP A 440 -1.47 -15.83 -13.74
N THR A 441 -0.56 -16.76 -14.06
CA THR A 441 0.77 -16.85 -13.43
C THR A 441 1.77 -15.85 -14.02
N GLN A 442 1.35 -15.06 -15.01
CA GLN A 442 2.19 -13.99 -15.63
C GLN A 442 1.70 -12.60 -15.21
N VAL A 443 0.47 -12.46 -14.75
CA VAL A 443 -0.13 -11.14 -14.36
C VAL A 443 0.65 -10.50 -13.20
N PRO A 444 1.06 -9.22 -13.34
CA PRO A 444 1.62 -8.48 -12.23
C PRO A 444 0.50 -7.99 -11.30
N PHE A 445 0.68 -8.10 -9.99
CA PHE A 445 -0.27 -7.57 -8.96
C PHE A 445 0.52 -7.31 -7.69
N CYS A 446 0.42 -6.10 -7.13
CA CYS A 446 1.04 -5.69 -5.83
C CYS A 446 2.55 -6.02 -5.84
N SER A 447 3.21 -5.81 -6.98
CA SER A 447 4.67 -5.89 -7.16
C SER A 447 5.11 -7.36 -7.26
N HIS A 448 4.19 -8.28 -7.50
CA HIS A 448 4.45 -9.74 -7.48
C HIS A 448 3.91 -10.42 -8.74
N HIS A 449 4.35 -11.67 -8.96
CA HIS A 449 3.63 -12.66 -9.80
C HIS A 449 3.51 -13.90 -8.93
N PHE A 450 2.77 -14.87 -9.40
CA PHE A 450 2.34 -16.03 -8.60
C PHE A 450 2.62 -17.27 -9.39
N HIS A 451 3.27 -18.23 -8.73
CA HIS A 451 3.54 -19.56 -9.28
C HIS A 451 2.58 -20.58 -8.68
N GLU A 452 2.22 -21.59 -9.48
CA GLU A 452 1.52 -22.83 -9.06
C GLU A 452 2.61 -23.86 -8.78
N LEU A 453 2.59 -24.43 -7.58
CA LEU A 453 3.66 -25.31 -7.07
C LEU A 453 3.02 -26.53 -6.39
N ILE A 454 3.36 -27.72 -6.86
CA ILE A 454 2.71 -28.99 -6.43
C ILE A 454 3.67 -29.67 -5.46
N MET A 455 3.18 -29.92 -4.25
CA MET A 455 3.97 -30.59 -3.19
C MET A 455 4.06 -32.09 -3.53
N LYS A 456 5.11 -32.74 -3.03
N LYS A 456 5.13 -32.73 -3.04
CA LYS A 456 5.38 -34.18 -3.25
CA LYS A 456 5.39 -34.19 -3.20
C LYS A 456 4.11 -35.00 -2.98
C LYS A 456 4.08 -34.97 -3.02
N ASP A 457 3.20 -34.52 -2.13
CA ASP A 457 1.89 -35.20 -1.85
C ASP A 457 0.69 -34.70 -2.69
N GLY A 458 0.91 -33.89 -3.74
CA GLY A 458 -0.15 -33.50 -4.71
C GLY A 458 -0.89 -32.24 -4.31
N ARG A 459 -0.76 -31.79 -3.07
CA ARG A 459 -1.46 -30.55 -2.65
C ARG A 459 -0.84 -29.36 -3.39
N VAL A 460 -1.65 -28.35 -3.66
CA VAL A 460 -1.25 -27.23 -4.54
C VAL A 460 -1.04 -25.97 -3.72
N LEU A 461 0.17 -25.45 -3.76
CA LEU A 461 0.53 -24.12 -3.21
C LEU A 461 0.49 -23.12 -4.37
N VAL A 462 -0.10 -21.95 -4.13
CA VAL A 462 0.01 -20.77 -5.01
C VAL A 462 0.83 -19.75 -4.23
N VAL A 463 2.03 -19.46 -4.69
CA VAL A 463 3.10 -18.80 -3.90
C VAL A 463 3.44 -17.46 -4.55
N PRO A 464 3.75 -16.41 -3.76
CA PRO A 464 4.13 -15.13 -4.36
C PRO A 464 5.60 -15.14 -4.73
N CYS A 465 5.98 -14.25 -5.64
CA CYS A 465 7.33 -14.23 -6.26
C CYS A 465 7.55 -12.86 -6.89
N ARG A 466 8.77 -12.37 -6.82
CA ARG A 466 9.27 -11.24 -7.61
C ARG A 466 10.76 -11.45 -7.82
N ASN A 467 11.34 -10.67 -8.70
CA ASN A 467 12.79 -10.74 -9.01
C ASN A 467 13.58 -10.75 -7.69
N GLN A 468 14.47 -11.71 -7.55
CA GLN A 468 15.13 -11.97 -6.27
C GLN A 468 16.08 -10.83 -5.95
N ASP A 469 16.60 -10.11 -6.95
CA ASP A 469 17.49 -8.96 -6.67
C ASP A 469 16.71 -7.92 -5.87
N GLU A 470 15.42 -7.79 -6.13
CA GLU A 470 14.55 -6.80 -5.47
C GLU A 470 14.39 -7.21 -3.98
N LEU A 471 14.13 -8.49 -3.72
CA LEU A 471 13.95 -9.03 -2.36
C LEU A 471 15.24 -8.84 -1.55
N ILE A 472 16.36 -9.26 -2.09
CA ILE A 472 17.64 -9.16 -1.36
C ILE A 472 18.02 -7.68 -1.16
N GLY A 473 17.83 -6.84 -2.16
CA GLY A 473 18.16 -5.40 -2.08
C GLY A 473 17.36 -4.62 -1.03
N ARG A 474 16.08 -4.97 -0.81
CA ARG A 474 15.23 -4.31 0.22
C ARG A 474 15.66 -4.76 1.62
N ALA A 475 15.96 -6.05 1.82
CA ALA A 475 16.36 -6.62 3.13
C ALA A 475 17.70 -5.99 3.57
N ARG A 476 18.49 -5.48 2.64
CA ARG A 476 19.84 -4.92 2.95
C ARG A 476 19.68 -3.46 3.38
N ILE A 477 18.45 -2.95 3.42
CA ILE A 477 18.24 -1.52 3.70
C ILE A 477 17.46 -1.39 5.01
N SER A 478 17.93 -0.48 5.86
N SER A 478 17.93 -0.48 5.87
CA SER A 478 17.21 0.00 7.07
CA SER A 478 17.18 -0.02 7.09
C SER A 478 16.78 1.46 6.85
C SER A 478 16.81 1.46 6.92
N GLN A 479 15.61 1.84 7.39
CA GLN A 479 15.10 3.24 7.37
C GLN A 479 15.38 3.88 8.75
N GLY A 480 15.82 5.15 8.76
CA GLY A 480 16.22 5.87 9.97
C GLY A 480 17.60 5.44 10.47
N ALA A 481 18.09 6.09 11.51
CA ALA A 481 19.40 5.82 12.13
C ALA A 481 19.27 5.78 13.67
N GLY A 482 20.39 5.58 14.37
CA GLY A 482 20.44 5.37 15.84
C GLY A 482 19.96 3.99 16.20
N TRP A 483 20.45 2.96 15.50
CA TRP A 483 20.01 1.55 15.69
C TRP A 483 21.15 0.71 16.28
N SER A 484 20.93 0.17 17.47
CA SER A 484 21.85 -0.81 18.13
C SER A 484 22.19 -1.90 17.13
N LEU A 485 23.17 -2.76 17.46
CA LEU A 485 23.47 -4.00 16.71
C LEU A 485 22.32 -5.01 16.90
N ARG A 486 21.65 -4.95 18.05
CA ARG A 486 20.53 -5.86 18.38
C ARG A 486 19.29 -5.52 17.55
N GLU A 487 19.00 -4.23 17.39
CA GLU A 487 17.86 -3.72 16.59
C GLU A 487 18.06 -4.15 15.13
N THR A 488 19.26 -3.92 14.61
CA THR A 488 19.67 -4.26 13.23
C THR A 488 19.49 -5.79 13.05
N ALA A 489 19.97 -6.59 14.00
CA ALA A 489 19.83 -8.07 13.95
C ALA A 489 18.35 -8.44 13.91
N CYS A 490 17.50 -7.74 14.67
CA CYS A 490 16.06 -8.09 14.83
C CYS A 490 15.31 -7.73 13.56
N LEU A 491 15.70 -6.68 12.87
CA LEU A 491 15.17 -6.36 11.52
C LEU A 491 15.61 -7.41 10.48
N GLY A 492 16.88 -7.82 10.47
CA GLY A 492 17.34 -8.89 9.58
C GLY A 492 16.47 -10.12 9.76
N LYS A 493 16.24 -10.46 11.03
CA LYS A 493 15.44 -11.64 11.46
C LYS A 493 14.02 -11.51 10.92
N SER A 494 13.42 -10.31 10.92
CA SER A 494 12.08 -10.10 10.31
C SER A 494 12.07 -10.47 8.84
N TYR A 495 13.04 -10.00 8.05
CA TYR A 495 13.16 -10.30 6.61
C TYR A 495 13.30 -11.81 6.42
N ALA A 496 14.22 -12.39 7.17
CA ALA A 496 14.52 -13.84 7.09
C ALA A 496 13.23 -14.64 7.32
N GLN A 497 12.45 -14.27 8.33
CA GLN A 497 11.19 -15.01 8.67
C GLN A 497 10.16 -14.76 7.56
N MET A 498 10.11 -13.55 7.01
CA MET A 498 9.18 -13.28 5.88
C MET A 498 9.59 -14.19 4.72
N TRP A 499 10.89 -14.28 4.43
CA TRP A 499 11.37 -15.11 3.31
C TRP A 499 10.97 -16.59 3.51
N SER A 500 11.10 -17.11 4.73
N SER A 500 11.10 -17.13 4.73
CA SER A 500 10.78 -18.53 5.06
CA SER A 500 10.78 -18.55 5.02
C SER A 500 9.29 -18.79 4.87
C SER A 500 9.28 -18.81 4.87
N LEU A 501 8.44 -17.78 5.07
CA LEU A 501 6.98 -17.93 4.99
C LEU A 501 6.43 -17.69 3.58
N MET A 502 6.94 -16.69 2.85
CA MET A 502 6.37 -16.26 1.54
C MET A 502 7.24 -16.77 0.38
N TYR A 503 8.56 -16.82 0.55
CA TYR A 503 9.54 -17.06 -0.55
C TYR A 503 10.37 -18.32 -0.30
N PHE A 504 9.83 -19.31 0.42
CA PHE A 504 10.51 -20.59 0.81
C PHE A 504 10.93 -21.38 -0.43
N HIS A 505 10.22 -21.12 -1.53
CA HIS A 505 10.35 -21.85 -2.83
C HIS A 505 11.55 -21.33 -3.64
N ARG A 506 12.20 -20.26 -3.19
CA ARG A 506 13.39 -19.68 -3.85
C ARG A 506 14.61 -20.25 -3.10
N ARG A 507 15.47 -21.01 -3.76
CA ARG A 507 16.54 -21.77 -3.08
C ARG A 507 17.42 -20.79 -2.29
N ASP A 508 17.77 -19.64 -2.86
CA ASP A 508 18.78 -18.72 -2.25
C ASP A 508 18.18 -18.07 -0.99
N LEU A 509 16.88 -17.82 -1.01
CA LEU A 509 16.20 -17.12 0.11
C LEU A 509 15.97 -18.11 1.26
N ARG A 510 15.66 -19.39 0.99
CA ARG A 510 15.50 -20.38 2.07
C ARG A 510 16.85 -20.55 2.76
N LEU A 511 17.93 -20.61 2.00
CA LEU A 511 19.29 -20.76 2.56
C LEU A 511 19.62 -19.52 3.38
N ALA A 512 19.39 -18.35 2.84
CA ALA A 512 19.87 -17.11 3.48
C ALA A 512 19.01 -16.90 4.73
N ALA A 513 17.75 -17.30 4.68
CA ALA A 513 16.80 -17.13 5.80
C ALA A 513 17.27 -18.00 6.96
N ASN A 514 17.63 -19.26 6.68
CA ASN A 514 18.15 -20.19 7.70
C ASN A 514 19.47 -19.64 8.26
N ALA A 515 20.31 -19.07 7.42
CA ALA A 515 21.60 -18.50 7.86
C ALA A 515 21.33 -17.30 8.77
N ILE A 516 20.45 -16.36 8.42
CA ILE A 516 20.20 -15.18 9.28
C ILE A 516 19.59 -15.64 10.62
N CYS A 517 18.63 -16.57 10.62
CA CYS A 517 17.96 -17.09 11.84
C CYS A 517 18.94 -17.89 12.71
N SER A 518 20.02 -18.43 12.13
CA SER A 518 21.10 -19.14 12.84
C SER A 518 22.09 -18.13 13.45
N ALA A 519 22.21 -16.92 12.89
CA ALA A 519 23.26 -15.92 13.24
C ALA A 519 22.74 -14.93 14.28
N VAL A 520 21.43 -14.79 14.38
CA VAL A 520 20.71 -13.96 15.39
C VAL A 520 20.25 -14.85 16.53
N PRO A 521 20.45 -14.41 17.80
CA PRO A 521 20.06 -15.18 18.97
C PRO A 521 18.62 -15.67 18.88
N SER A 522 18.40 -16.94 19.19
N SER A 522 18.42 -16.95 19.20
CA SER A 522 17.14 -17.70 18.98
CA SER A 522 17.16 -17.72 19.01
C SER A 522 15.93 -16.93 19.53
C SER A 522 15.94 -16.96 19.54
N HIS A 523 16.08 -16.30 20.70
CA HIS A 523 14.96 -15.66 21.44
C HIS A 523 14.75 -14.18 21.12
N TRP A 524 15.66 -13.51 20.41
CA TRP A 524 15.47 -12.07 20.07
C TRP A 524 14.25 -11.91 19.18
N VAL A 525 13.45 -10.91 19.46
CA VAL A 525 12.14 -10.69 18.78
C VAL A 525 12.37 -9.89 17.50
N PRO A 526 11.88 -10.39 16.34
CA PRO A 526 11.85 -9.57 15.12
C PRO A 526 11.12 -8.23 15.28
N THR A 527 11.65 -7.15 14.67
CA THR A 527 11.10 -5.76 14.70
C THR A 527 10.98 -5.21 13.29
N SER A 528 10.19 -4.13 13.14
CA SER A 528 10.01 -3.29 11.93
C SER A 528 9.67 -1.87 12.43
N ARG A 529 9.74 -0.88 11.54
CA ARG A 529 9.44 0.55 11.86
C ARG A 529 8.31 1.11 10.96
N THR A 530 7.67 0.27 10.13
CA THR A 530 6.45 0.67 9.32
C THR A 530 5.62 -0.57 8.90
N THR A 531 5.32 -1.47 9.85
CA THR A 531 4.60 -2.78 9.63
C THR A 531 3.88 -2.78 8.28
N ALA A 536 -1.43 -6.43 3.55
CA ALA A 536 -0.65 -7.61 3.97
C ALA A 536 -0.89 -7.90 5.47
N THR A 537 -0.89 -9.19 5.84
CA THR A 537 -0.91 -9.72 7.23
C THR A 537 0.52 -10.22 7.52
N HIS A 538 1.04 -9.92 8.71
N HIS A 538 1.05 -9.88 8.70
CA HIS A 538 2.49 -10.03 9.05
CA HIS A 538 2.49 -10.01 9.08
C HIS A 538 2.73 -11.21 10.00
C HIS A 538 2.71 -11.21 10.01
N GLU A 539 2.43 -12.43 9.53
CA GLU A 539 2.57 -13.67 10.34
C GLU A 539 4.02 -14.05 10.69
N TRP A 540 5.01 -13.46 10.03
CA TRP A 540 6.44 -13.70 10.32
C TRP A 540 6.91 -12.91 11.54
N MET A 541 6.13 -11.96 12.04
CA MET A 541 6.48 -11.12 13.22
C MET A 541 6.06 -11.87 14.49
N THR A 542 6.93 -12.76 14.97
CA THR A 542 6.66 -13.79 16.00
C THR A 542 7.98 -14.47 16.33
N THR A 543 8.06 -15.08 17.53
CA THR A 543 9.20 -15.95 17.95
C THR A 543 8.77 -17.42 17.93
N GLU A 544 7.54 -17.68 17.48
CA GLU A 544 7.10 -19.07 17.28
C GLU A 544 8.01 -19.72 16.23
N ASP A 545 8.08 -21.04 16.29
CA ASP A 545 8.76 -21.91 15.31
C ASP A 545 8.22 -21.62 13.89
N MET A 546 9.08 -21.31 12.92
CA MET A 546 8.64 -20.96 11.53
C MET A 546 7.95 -22.17 10.86
N LEU A 547 8.36 -23.40 11.14
CA LEU A 547 7.65 -24.55 10.54
C LEU A 547 6.22 -24.57 11.06
N THR A 548 5.95 -24.14 12.31
CA THR A 548 4.59 -24.15 12.91
C THR A 548 3.72 -23.04 12.27
N VAL A 549 4.25 -21.85 12.13
CA VAL A 549 3.57 -20.76 11.37
C VAL A 549 3.32 -21.18 9.90
N TRP A 550 4.27 -21.83 9.22
CA TRP A 550 4.10 -22.29 7.82
C TRP A 550 2.83 -23.16 7.77
N ASN A 551 2.78 -24.17 8.63
CA ASN A 551 1.66 -25.14 8.71
C ASN A 551 0.35 -24.39 8.98
N ARG A 552 0.35 -23.39 9.85
CA ARG A 552 -0.91 -22.67 10.16
C ARG A 552 -1.38 -21.88 8.91
N VAL A 553 -0.44 -21.16 8.27
CA VAL A 553 -0.73 -20.22 7.15
C VAL A 553 -1.09 -20.99 5.86
N TRP A 554 -0.32 -22.00 5.51
CA TRP A 554 -0.38 -22.64 4.18
C TRP A 554 -1.29 -23.86 4.18
N ILE A 555 -1.57 -24.47 5.35
CA ILE A 555 -2.39 -25.72 5.45
C ILE A 555 -3.65 -25.42 6.26
N GLN A 556 -3.50 -25.17 7.56
CA GLN A 556 -4.64 -25.19 8.52
C GLN A 556 -5.62 -24.07 8.14
N GLU A 557 -5.15 -22.86 7.91
CA GLU A 557 -6.00 -21.66 7.72
C GLU A 557 -6.23 -21.37 6.23
N ASN A 558 -5.70 -22.18 5.31
CA ASN A 558 -5.77 -21.95 3.84
C ASN A 558 -7.07 -22.55 3.32
N PRO A 559 -8.06 -21.74 2.94
CA PRO A 559 -9.34 -22.29 2.48
C PRO A 559 -9.29 -23.01 1.12
N TRP A 560 -8.15 -22.99 0.42
CA TRP A 560 -8.01 -23.68 -0.90
C TRP A 560 -7.40 -25.08 -0.75
N MET A 561 -6.97 -25.46 0.46
CA MET A 561 -6.36 -26.79 0.78
C MET A 561 -7.44 -27.63 1.47
N GLU A 562 -7.97 -28.68 0.84
CA GLU A 562 -9.00 -29.51 1.51
C GLU A 562 -8.32 -30.44 2.54
N ASP A 563 -7.18 -31.05 2.21
CA ASP A 563 -6.47 -31.98 3.11
C ASP A 563 -5.63 -31.20 4.12
N LYS A 564 -5.86 -31.39 5.43
CA LYS A 564 -5.22 -30.56 6.50
C LYS A 564 -4.06 -31.31 7.16
N THR A 565 -3.49 -32.30 6.50
CA THR A 565 -2.36 -33.08 7.08
C THR A 565 -1.18 -32.16 7.28
N PRO A 566 -0.68 -31.96 8.51
CA PRO A 566 0.42 -31.03 8.72
C PRO A 566 1.67 -31.52 7.97
N VAL A 567 2.56 -30.59 7.69
CA VAL A 567 3.91 -30.93 7.16
C VAL A 567 4.82 -31.06 8.38
N GLU A 568 5.66 -32.10 8.38
CA GLU A 568 6.50 -32.57 9.52
C GLU A 568 7.92 -32.00 9.45
N SER A 569 8.44 -31.65 8.27
CA SER A 569 9.75 -30.97 8.15
C SER A 569 9.82 -30.07 6.92
N TRP A 570 10.84 -29.24 6.88
CA TRP A 570 10.99 -28.28 5.77
C TRP A 570 11.27 -29.04 4.46
N GLU A 571 11.80 -30.25 4.51
CA GLU A 571 12.12 -30.98 3.26
C GLU A 571 10.83 -31.43 2.57
N GLU A 572 9.72 -31.57 3.27
CA GLU A 572 8.40 -31.83 2.60
C GLU A 572 8.01 -30.63 1.71
N ILE A 573 8.62 -29.46 1.93
CA ILE A 573 8.14 -28.16 1.35
C ILE A 573 8.95 -27.87 0.10
N PRO A 574 8.29 -27.77 -1.08
CA PRO A 574 8.99 -27.75 -2.36
C PRO A 574 9.59 -26.38 -2.75
N TYR A 575 10.44 -26.39 -3.77
CA TYR A 575 10.96 -25.19 -4.46
C TYR A 575 10.33 -25.11 -5.84
N LEU A 576 10.41 -23.94 -6.48
CA LEU A 576 10.24 -23.77 -7.96
C LEU A 576 11.25 -24.69 -8.66
N GLY A 577 10.97 -25.04 -9.92
CA GLY A 577 11.93 -25.72 -10.81
C GLY A 577 13.21 -24.90 -10.83
N LYS A 578 14.35 -25.57 -11.00
CA LYS A 578 15.69 -24.96 -11.04
C LYS A 578 15.75 -23.85 -12.09
N ARG A 579 15.18 -24.07 -13.28
CA ARG A 579 15.27 -23.10 -14.40
C ARG A 579 14.37 -21.92 -14.07
N GLU A 580 13.15 -22.19 -13.56
CA GLU A 580 12.24 -21.10 -13.08
C GLU A 580 12.93 -20.30 -11.98
N ASP A 581 13.64 -20.95 -11.06
CA ASP A 581 14.35 -20.24 -9.96
C ASP A 581 15.35 -19.28 -10.58
N GLN A 582 16.06 -19.70 -11.63
CA GLN A 582 17.06 -18.83 -12.32
C GLN A 582 16.37 -17.68 -13.07
N TRP A 583 15.30 -18.01 -13.79
CA TRP A 583 14.46 -17.02 -14.48
C TRP A 583 14.08 -15.90 -13.50
N CYS A 584 13.77 -16.24 -12.24
CA CYS A 584 13.29 -15.22 -11.27
C CYS A 584 14.47 -14.67 -10.44
N GLY A 585 15.72 -14.88 -10.89
CA GLY A 585 16.91 -14.14 -10.40
C GLY A 585 17.86 -14.93 -9.52
N SER A 586 17.64 -16.24 -9.33
CA SER A 586 18.55 -17.10 -8.55
C SER A 586 19.97 -17.04 -9.11
N LEU A 587 20.95 -17.20 -8.23
CA LEU A 587 22.39 -17.35 -8.55
C LEU A 587 22.83 -18.82 -8.55
N ILE A 588 21.90 -19.77 -8.38
CA ILE A 588 22.26 -21.22 -8.45
C ILE A 588 22.95 -21.47 -9.80
N GLY A 589 24.00 -22.30 -9.78
CA GLY A 589 24.86 -22.53 -10.96
C GLY A 589 26.06 -21.60 -10.95
N LEU A 590 26.04 -20.46 -10.26
CA LEU A 590 27.23 -19.58 -10.20
C LEU A 590 28.22 -20.08 -9.14
N THR A 591 29.51 -19.83 -9.42
CA THR A 591 30.66 -20.15 -8.54
C THR A 591 30.54 -19.35 -7.24
N SER A 592 30.28 -18.04 -7.32
CA SER A 592 30.13 -17.20 -6.10
C SER A 592 29.09 -17.84 -5.15
N ARG A 593 28.02 -18.40 -5.70
CA ARG A 593 26.86 -18.89 -4.91
C ARG A 593 27.26 -20.22 -4.27
N ALA A 594 27.94 -21.10 -5.00
CA ALA A 594 28.39 -22.42 -4.51
C ALA A 594 29.39 -22.27 -3.34
N THR A 595 30.27 -21.27 -3.37
CA THR A 595 31.24 -20.99 -2.29
C THR A 595 30.50 -20.49 -1.06
N TRP A 596 29.55 -19.59 -1.28
CA TRP A 596 28.71 -19.03 -0.20
C TRP A 596 27.99 -20.18 0.52
N ALA A 597 27.20 -20.99 -0.18
CA ALA A 597 26.42 -22.10 0.41
C ALA A 597 27.32 -23.10 1.17
N LYS A 598 28.39 -23.54 0.53
CA LYS A 598 29.36 -24.53 1.06
C LYS A 598 29.94 -23.99 2.36
N ASN A 599 30.33 -22.72 2.42
CA ASN A 599 31.02 -22.11 3.59
C ASN A 599 30.06 -21.26 4.43
N ILE A 600 28.76 -21.55 4.42
CA ILE A 600 27.72 -20.69 5.09
C ILE A 600 27.99 -20.59 6.62
N GLN A 601 28.46 -21.68 7.24
N GLN A 601 28.47 -21.67 7.24
CA GLN A 601 28.72 -21.76 8.69
CA GLN A 601 28.71 -21.74 8.70
C GLN A 601 29.81 -20.75 9.10
C GLN A 601 29.81 -20.74 9.10
N THR A 602 30.76 -20.46 8.20
CA THR A 602 31.79 -19.42 8.43
C THR A 602 31.18 -18.02 8.42
N ALA A 603 30.12 -17.78 7.65
CA ALA A 603 29.49 -16.45 7.56
C ALA A 603 28.67 -16.27 8.81
N ILE A 604 27.89 -17.30 9.13
CA ILE A 604 27.11 -17.38 10.38
C ILE A 604 28.03 -17.07 11.58
N ASN A 605 29.17 -17.76 11.69
CA ASN A 605 30.14 -17.58 12.80
C ASN A 605 30.70 -16.15 12.81
N GLN A 606 30.84 -15.49 11.66
CA GLN A 606 31.36 -14.10 11.62
C GLN A 606 30.36 -13.18 12.34
N VAL A 607 29.09 -13.32 12.01
CA VAL A 607 28.01 -12.48 12.58
C VAL A 607 27.87 -12.84 14.08
N ARG A 608 27.85 -14.14 14.45
CA ARG A 608 27.74 -14.55 15.87
C ARG A 608 28.87 -13.89 16.67
N SER A 609 30.09 -13.84 16.15
CA SER A 609 31.24 -13.25 16.87
C SER A 609 31.05 -11.75 17.09
N LEU A 610 30.30 -11.08 16.22
CA LEU A 610 30.15 -9.60 16.27
C LEU A 610 29.09 -9.26 17.32
N ILE A 611 27.98 -10.01 17.29
CA ILE A 611 26.86 -9.87 18.25
C ILE A 611 27.32 -10.29 19.66
N GLY A 612 28.07 -11.39 19.79
CA GLY A 612 28.75 -11.84 21.02
C GLY A 612 28.22 -13.18 21.57
N ASN A 613 28.45 -13.41 22.84
CA ASN A 613 28.17 -14.70 23.51
C ASN A 613 26.69 -14.71 23.89
N GLU A 614 25.85 -15.36 23.08
CA GLU A 614 24.39 -15.35 23.23
C GLU A 614 24.00 -16.77 22.97
N GLU A 615 22.70 -17.09 23.07
CA GLU A 615 22.14 -18.43 22.74
C GLU A 615 21.69 -18.41 21.28
N TYR A 616 22.29 -19.27 20.45
CA TYR A 616 21.99 -19.41 19.00
C TYR A 616 21.48 -20.84 18.72
N THR A 617 20.69 -20.99 17.66
CA THR A 617 20.29 -22.29 17.08
C THR A 617 20.95 -22.47 15.71
N ASP A 618 21.40 -23.68 15.37
CA ASP A 618 21.77 -24.04 13.98
C ASP A 618 20.49 -24.48 13.25
N TYR A 619 19.96 -23.62 12.38
CA TYR A 619 18.82 -23.93 11.48
C TYR A 619 19.29 -24.59 10.18
N MET A 620 20.59 -24.58 9.86
CA MET A 620 21.04 -25.09 8.54
C MET A 620 20.69 -26.58 8.33
N PRO A 621 20.74 -27.50 9.32
CA PRO A 621 20.32 -28.90 9.11
C PRO A 621 18.85 -29.17 8.75
N SER A 622 17.97 -28.15 8.74
CA SER A 622 16.58 -28.24 8.20
C SER A 622 16.62 -28.42 6.68
N MET A 623 17.76 -28.12 6.04
CA MET A 623 18.01 -28.34 4.59
C MET A 623 18.77 -29.67 4.39
N LYS A 624 18.40 -30.43 3.34
CA LYS A 624 18.99 -31.74 2.96
C LYS A 624 20.54 -31.66 2.89
N ARG A 625 21.13 -30.67 2.21
CA ARG A 625 22.59 -30.67 1.92
C ARG A 625 23.45 -30.41 3.16
N PHE A 626 22.90 -29.86 4.26
CA PHE A 626 23.61 -29.58 5.53
C PHE A 626 23.21 -30.61 6.60
N ARG A 627 22.31 -31.51 6.28
CA ARG A 627 21.84 -32.55 7.25
C ARG A 627 22.87 -33.68 7.17
N ARG A 628 24.12 -33.38 7.56
CA ARG A 628 25.33 -34.20 7.26
C ARG A 628 25.63 -34.13 5.75
ZN ZN B . 8.82 -15.97 -10.03
ZN ZN C . -9.14 21.25 10.86
O1 MES D . 28.43 -3.85 13.29
O1 MES D . 28.09 -3.98 13.20
C2 MES D . 29.63 -3.39 12.69
C2 MES D . 29.29 -3.57 12.57
C3 MES D . 29.39 -2.97 11.26
C3 MES D . 29.16 -3.64 11.07
N4 MES D . 28.85 -4.14 10.48
N4 MES D . 28.84 -5.03 10.65
C5 MES D . 27.61 -4.64 11.15
C5 MES D . 27.61 -5.49 11.38
C6 MES D . 27.90 -4.96 12.59
C6 MES D . 27.79 -5.32 12.87
C7 MES D . 28.62 -3.79 9.04
C7 MES D . 28.68 -5.16 9.17
C8 MES D . 28.65 -5.04 8.16
C8 MES D . 28.53 -3.82 8.47
S MES D . 29.02 -4.68 6.46
S MES D . 28.70 -3.95 6.70
O1S MES D . 30.16 -5.51 6.16
O1S MES D . 29.21 -5.27 6.45
O2S MES D . 27.86 -5.04 5.72
O2S MES D . 27.39 -3.76 6.16
O3S MES D . 29.33 -3.28 6.37
O3S MES D . 29.62 -2.92 6.31
S DMS E . 14.47 -20.71 10.30
O DMS E . 13.78 -22.05 10.22
C1 DMS E . 13.58 -19.83 11.57
C2 DMS E . 13.86 -19.81 8.89
S DMS F . 13.56 -30.82 -1.18
O DMS F . 12.56 -29.77 -0.77
C1 DMS F . 14.99 -30.55 -0.16
C2 DMS F . 14.23 -30.30 -2.74
S DMS G . 9.60 -6.41 7.02
O DMS G . 8.83 -6.77 8.23
C1 DMS G . 8.39 -6.29 5.73
C2 DMS G . 10.34 -7.92 6.50
C1 PEG H . -1.76 -13.39 14.14
O1 PEG H . -0.81 -13.90 13.23
C2 PEG H . -1.72 -11.89 14.23
O2 PEG H . -0.58 -11.49 14.97
C3 PEG H . -0.22 -10.12 14.74
C4 PEG H . -0.35 -9.81 13.27
O4 PEG H . -0.33 -8.41 13.02
P PO4 I . -1.06 -3.67 -12.09
O1 PO4 I . -0.19 -3.81 -13.40
O2 PO4 I . -2.39 -2.84 -12.42
O3 PO4 I . -1.48 -5.06 -11.47
O4 PO4 I . -0.18 -2.95 -11.13
C1 PEG J . 18.93 -7.93 -14.63
O1 PEG J . 18.92 -6.56 -14.94
C2 PEG J . 20.27 -8.57 -14.85
O2 PEG J . 20.25 -9.90 -14.38
C3 PEG J . 21.24 -10.73 -14.99
C4 PEG J . 21.42 -11.98 -14.19
O4 PEG J . 20.91 -13.13 -14.86
P PO4 K . -24.41 15.64 2.04
O1 PO4 K . -23.14 16.34 1.51
O2 PO4 K . -25.26 15.12 0.88
O3 PO4 K . -24.02 14.47 2.95
O4 PO4 K . -25.24 16.64 2.86
C1 PEG L . -12.45 -18.34 -1.04
O1 PEG L . -12.13 -18.35 0.34
C2 PEG L . -13.18 -19.56 -1.46
O2 PEG L . -12.37 -20.71 -1.22
C3 PEG L . -13.02 -21.93 -1.51
C4 PEG L . -12.35 -22.63 -2.67
O4 PEG L . -11.93 -23.95 -2.35
N1 O0P M . 22.41 -26.23 -14.07
C4 O0P M . 23.05 -25.71 -6.97
C5 O0P M . 21.80 -25.86 -6.40
C6 O0P M . 20.81 -26.39 -7.20
C7 O0P M . 21.00 -26.75 -8.51
N O0P M . 21.80 -26.06 -11.55
C O0P M . 21.98 -24.60 -11.51
O O0P M . 21.41 -28.14 -12.90
C1 O0P M . 22.50 -26.94 -10.53
C2 O0P M . 22.25 -26.57 -9.09
C3 O0P M . 23.28 -26.07 -8.29
F O0P M . 19.57 -26.55 -6.67
O1 O0P M . 20.11 -26.10 -13.42
S O0P M . 21.33 -26.72 -12.99
#